data_4LZF
#
_entry.id   4LZF
#
_cell.length_a   97.580
_cell.length_b   38.390
_cell.length_c   70.050
_cell.angle_alpha   90.000
_cell.angle_beta   126.680
_cell.angle_gamma   90.000
#
_symmetry.space_group_name_H-M   'C 1 2 1'
#
loop_
_entity.id
_entity.type
_entity.pdbx_description
1 polymer 'Centrosomal P4.1-associated protein'
2 polymer 'SCL-interrupting locus protein homolog'
3 non-polymer 'TRIETHYLENE GLYCOL'
4 non-polymer (4S)-2-METHYL-2,4-PENTANEDIOL
5 non-polymer 'TETRAETHYLENE GLYCOL'
6 water water
#
loop_
_entity_poly.entity_id
_entity_poly.type
_entity_poly.pdbx_seq_one_letter_code
_entity_poly.pdbx_strand_id
1 'polypeptide(L)'
;GPLGSDSKIEKMLPDGGRLVVFPNGTRKELSADGQTVKVMFFNGDVKHTMPDQRVIYYYAEAQTTHITYPDGMEVLQFPN
NQTEKHFPDGRKEITFPDQTVKTLHPDGREESVLTDGTIIQLNPDGSKVIQFNTGQREIHTADFKRREYPDGTVKTVYSD
GRQETQYPTGRVRLKDPQGKVIMD
;
A
2 'polypeptide(L)' DLSPRPSPNPHPVSQ B
#
loop_
_chem_comp.id
_chem_comp.type
_chem_comp.name
_chem_comp.formula
MPD non-polymer (4S)-2-METHYL-2,4-PENTANEDIOL 'C6 H14 O2'
PG4 non-polymer 'TETRAETHYLENE GLYCOL' 'C8 H18 O5'
PGE non-polymer 'TRIETHYLENE GLYCOL' 'C6 H14 O4'
#
# COMPACT_ATOMS: atom_id res chain seq x y z
N GLY A 16 -30.59 22.79 -10.93
CA GLY A 16 -30.57 21.42 -10.47
C GLY A 16 -29.42 20.60 -11.05
N GLY A 17 -28.44 21.27 -11.63
CA GLY A 17 -27.32 20.58 -12.25
C GLY A 17 -27.46 20.44 -13.78
N ARG A 18 -26.40 19.95 -14.42
CA ARG A 18 -26.40 19.82 -15.86
C ARG A 18 -25.77 18.50 -16.29
N LEU A 19 -26.20 18.01 -17.45
CA LEU A 19 -25.57 16.89 -18.11
C LEU A 19 -25.07 17.41 -19.44
N VAL A 20 -23.81 17.14 -19.75
CA VAL A 20 -23.26 17.51 -21.05
C VAL A 20 -22.81 16.24 -21.78
N VAL A 21 -23.24 16.07 -23.02
CA VAL A 21 -22.76 14.96 -23.83
C VAL A 21 -21.96 15.47 -25.02
N PHE A 22 -20.72 15.02 -25.12
CA PHE A 22 -19.81 15.48 -26.17
C PHE A 22 -19.88 14.56 -27.39
N PRO A 23 -19.52 15.09 -28.58
CA PRO A 23 -19.59 14.29 -29.81
C PRO A 23 -18.83 12.96 -29.73
N ASN A 24 -17.78 12.87 -28.91
CA ASN A 24 -17.03 11.63 -28.82
C ASN A 24 -17.66 10.60 -27.89
N GLY A 25 -18.78 10.98 -27.26
CA GLY A 25 -19.50 10.07 -26.39
C GLY A 25 -19.25 10.29 -24.92
N THR A 26 -18.19 11.01 -24.59
CA THR A 26 -17.92 11.34 -23.18
C THR A 26 -19.05 12.20 -22.58
N ARG A 27 -19.48 11.85 -21.36
CA ARG A 27 -20.54 12.60 -20.69
C ARG A 27 -20.02 13.25 -19.42
N LYS A 28 -20.52 14.45 -19.16
CA LYS A 28 -20.12 15.18 -17.96
C LYS A 28 -21.37 15.58 -17.18
N GLU A 29 -21.40 15.26 -15.88
CA GLU A 29 -22.48 15.74 -15.03
C GLU A 29 -21.96 16.70 -13.98
N LEU A 30 -22.58 17.86 -13.90
CA LEU A 30 -22.20 18.86 -12.91
C LEU A 30 -23.29 19.00 -11.85
N SER A 31 -22.89 19.07 -10.59
CA SER A 31 -23.84 19.31 -9.50
C SER A 31 -24.40 20.72 -9.64
N ALA A 32 -25.49 21.01 -8.94
CA ALA A 32 -26.14 22.31 -9.02
C ALA A 32 -25.19 23.43 -8.57
N ASP A 33 -24.39 23.15 -7.55
CA ASP A 33 -23.43 24.15 -7.04
C ASP A 33 -22.12 24.12 -7.81
N GLY A 34 -22.03 23.22 -8.79
CA GLY A 34 -20.86 23.12 -9.65
C GLY A 34 -19.63 22.59 -8.95
N GLN A 35 -19.79 22.17 -7.69
CA GLN A 35 -18.69 21.75 -6.84
C GLN A 35 -18.21 20.33 -7.13
N THR A 36 -19.12 19.48 -7.57
CA THR A 36 -18.79 18.10 -7.88
C THR A 36 -19.00 17.87 -9.36
N VAL A 37 -17.99 17.32 -10.01
CA VAL A 37 -18.07 17.01 -11.43
C VAL A 37 -17.83 15.53 -11.63
N LYS A 38 -18.70 14.88 -12.40
CA LYS A 38 -18.48 13.48 -12.73
C LYS A 38 -18.33 13.34 -14.24
N VAL A 39 -17.25 12.71 -14.66
CA VAL A 39 -17.00 12.51 -16.09
C VAL A 39 -17.06 11.03 -16.40
N MET A 40 -17.97 10.67 -17.31
N MET A 40 -17.89 10.70 -17.38
CA MET A 40 -18.09 9.31 -17.81
CA MET A 40 -18.03 9.32 -17.79
C MET A 40 -17.53 9.24 -19.24
C MET A 40 -17.54 9.22 -19.22
N PHE A 41 -16.29 8.77 -19.35
CA PHE A 41 -15.62 8.71 -20.64
C PHE A 41 -16.21 7.63 -21.54
N PHE A 42 -16.01 7.81 -22.84
CA PHE A 42 -16.55 6.89 -23.84
C PHE A 42 -16.04 5.45 -23.67
N ASN A 43 -14.94 5.28 -22.94
CA ASN A 43 -14.34 3.96 -22.80
C ASN A 43 -14.76 3.28 -21.51
N GLY A 44 -15.69 3.90 -20.79
CA GLY A 44 -16.17 3.30 -19.55
C GLY A 44 -15.51 3.82 -18.28
N ASP A 45 -14.40 4.55 -18.42
CA ASP A 45 -13.75 5.11 -17.24
C ASP A 45 -14.67 6.14 -16.61
N VAL A 46 -14.53 6.34 -15.30
CA VAL A 46 -15.35 7.30 -14.57
C VAL A 46 -14.48 8.14 -13.65
N LYS A 47 -14.60 9.45 -13.76
CA LYS A 47 -13.81 10.35 -12.93
C LYS A 47 -14.72 11.28 -12.13
N HIS A 48 -14.53 11.31 -10.81
CA HIS A 48 -15.27 12.24 -9.97
C HIS A 48 -14.29 13.27 -9.42
N THR A 49 -14.60 14.55 -9.60
CA THR A 49 -13.85 15.58 -8.87
C THR A 49 -14.74 16.18 -7.79
N MET A 50 -14.27 16.12 -6.55
CA MET A 50 -15.07 16.48 -5.38
C MET A 50 -14.78 17.93 -4.96
N PRO A 51 -15.68 18.55 -4.19
CA PRO A 51 -15.52 19.97 -3.84
C PRO A 51 -14.20 20.27 -3.13
N ASP A 52 -13.69 19.29 -2.39
CA ASP A 52 -12.43 19.44 -1.66
C ASP A 52 -11.21 19.14 -2.53
N GLN A 53 -11.46 18.91 -3.82
CA GLN A 53 -10.44 18.66 -4.84
C GLN A 53 -9.87 17.24 -4.88
N ARG A 54 -10.41 16.32 -4.08
CA ARG A 54 -10.05 14.91 -4.25
C ARG A 54 -10.47 14.53 -5.66
N VAL A 55 -9.64 13.73 -6.34
CA VAL A 55 -10.01 13.20 -7.66
C VAL A 55 -10.06 11.69 -7.57
N ILE A 56 -11.20 11.12 -7.94
CA ILE A 56 -11.35 9.66 -7.88
C ILE A 56 -11.49 9.18 -9.32
N TYR A 57 -10.59 8.31 -9.76
CA TYR A 57 -10.61 7.82 -11.16
C TYR A 57 -10.79 6.32 -11.20
N TYR A 58 -11.81 5.86 -11.92
CA TYR A 58 -12.05 4.44 -12.07
C TYR A 58 -11.70 3.99 -13.48
N TYR A 59 -10.72 3.08 -13.55
CA TYR A 59 -10.34 2.45 -14.81
C TYR A 59 -11.23 1.24 -15.08
N ALA A 60 -12.04 1.33 -16.14
CA ALA A 60 -13.06 0.31 -16.39
C ALA A 60 -12.46 -1.05 -16.77
N GLU A 61 -11.54 -1.05 -17.72
CA GLU A 61 -10.95 -2.31 -18.18
C GLU A 61 -10.08 -2.96 -17.11
N ALA A 62 -9.28 -2.17 -16.42
CA ALA A 62 -8.44 -2.73 -15.36
C ALA A 62 -9.19 -2.89 -14.05
N GLN A 63 -10.40 -2.35 -13.97
CA GLN A 63 -11.22 -2.44 -12.74
C GLN A 63 -10.47 -1.93 -11.52
N THR A 64 -9.78 -0.81 -11.70
CA THR A 64 -8.91 -0.27 -10.67
C THR A 64 -9.33 1.15 -10.32
N THR A 65 -9.23 1.52 -9.04
CA THR A 65 -9.56 2.88 -8.66
C THR A 65 -8.31 3.59 -8.17
N HIS A 66 -8.12 4.83 -8.63
CA HIS A 66 -7.00 5.66 -8.20
C HIS A 66 -7.54 6.95 -7.63
N ILE A 67 -7.22 7.21 -6.37
CA ILE A 67 -7.69 8.39 -5.70
C ILE A 67 -6.50 9.30 -5.39
N THR A 68 -6.58 10.55 -5.84
N THR A 68 -6.63 10.56 -5.81
CA THR A 68 -5.58 11.55 -5.48
CA THR A 68 -5.61 11.56 -5.52
C THR A 68 -6.16 12.57 -4.51
C THR A 68 -6.17 12.57 -4.52
N TYR A 69 -5.44 12.78 -3.41
CA TYR A 69 -5.88 13.69 -2.36
C TYR A 69 -5.10 15.00 -2.48
N PRO A 70 -5.72 16.11 -2.05
CA PRO A 70 -5.05 17.41 -2.16
C PRO A 70 -3.77 17.53 -1.33
N ASP A 71 -3.56 16.65 -0.36
CA ASP A 71 -2.36 16.72 0.48
C ASP A 71 -1.19 15.95 -0.15
N GLY A 72 -1.42 15.35 -1.31
CA GLY A 72 -0.37 14.63 -2.00
C GLY A 72 -0.52 13.13 -1.93
N MET A 73 -1.32 12.65 -0.97
CA MET A 73 -1.54 11.22 -0.86
C MET A 73 -2.24 10.64 -2.10
N GLU A 74 -1.80 9.46 -2.51
CA GLU A 74 -2.47 8.73 -3.59
C GLU A 74 -2.81 7.32 -3.15
N VAL A 75 -3.99 6.85 -3.52
CA VAL A 75 -4.38 5.50 -3.11
C VAL A 75 -4.84 4.74 -4.33
N LEU A 76 -4.35 3.51 -4.46
CA LEU A 76 -4.83 2.60 -5.52
C LEU A 76 -5.55 1.43 -4.92
N GLN A 77 -6.69 1.09 -5.52
N GLN A 77 -6.69 1.07 -5.51
CA GLN A 77 -7.43 -0.11 -5.19
CA GLN A 77 -7.41 -0.13 -5.12
C GLN A 77 -7.46 -1.03 -6.40
C GLN A 77 -7.54 -1.06 -6.33
N PHE A 78 -6.87 -2.21 -6.25
CA PHE A 78 -6.84 -3.19 -7.33
C PHE A 78 -7.95 -4.21 -7.13
N PRO A 79 -8.44 -4.83 -8.24
CA PRO A 79 -9.65 -5.64 -8.16
C PRO A 79 -9.50 -6.94 -7.36
N ASN A 80 -8.25 -7.34 -7.10
CA ASN A 80 -8.01 -8.47 -6.23
C ASN A 80 -8.06 -8.06 -4.76
N ASN A 81 -8.60 -6.87 -4.52
CA ASN A 81 -8.73 -6.26 -3.20
C ASN A 81 -7.41 -5.81 -2.56
N GLN A 82 -6.37 -5.68 -3.37
CA GLN A 82 -5.11 -5.12 -2.87
C GLN A 82 -5.19 -3.59 -2.89
N THR A 83 -4.69 -2.96 -1.83
CA THR A 83 -4.74 -1.52 -1.71
C THR A 83 -3.33 -1.02 -1.53
N GLU A 84 -2.98 0.06 -2.24
CA GLU A 84 -1.65 0.63 -2.10
C GLU A 84 -1.74 2.11 -1.83
N LYS A 85 -1.18 2.53 -0.71
CA LYS A 85 -1.23 3.93 -0.30
C LYS A 85 0.14 4.58 -0.38
N HIS A 86 0.20 5.71 -1.07
CA HIS A 86 1.44 6.44 -1.25
C HIS A 86 1.35 7.75 -0.50
N PHE A 87 2.16 7.88 0.54
CA PHE A 87 2.17 9.08 1.36
C PHE A 87 3.02 10.16 0.71
N PRO A 88 2.74 11.43 1.02
CA PRO A 88 3.46 12.54 0.38
C PRO A 88 4.99 12.50 0.60
N ASP A 89 5.42 11.88 1.71
CA ASP A 89 6.85 11.79 2.02
C ASP A 89 7.60 10.76 1.16
N GLY A 90 6.88 9.81 0.58
CA GLY A 90 7.49 8.76 -0.21
C GLY A 90 7.15 7.37 0.30
N ARG A 91 6.68 7.30 1.55
CA ARG A 91 6.25 6.04 2.16
C ARG A 91 5.18 5.34 1.33
N LYS A 92 5.27 4.02 1.22
CA LYS A 92 4.29 3.24 0.47
C LYS A 92 3.74 2.11 1.33
N GLU A 93 2.43 2.07 1.52
CA GLU A 93 1.81 1.03 2.35
C GLU A 93 0.90 0.11 1.56
N ILE A 94 1.24 -1.17 1.56
CA ILE A 94 0.45 -2.14 0.85
C ILE A 94 -0.37 -3.01 1.79
N THR A 95 -1.67 -3.10 1.54
CA THR A 95 -2.50 -4.09 2.21
C THR A 95 -2.83 -5.15 1.17
N PHE A 96 -2.25 -6.33 1.37
CA PHE A 96 -2.47 -7.47 0.49
C PHE A 96 -3.85 -8.05 0.79
N PRO A 97 -4.38 -8.91 -0.11
CA PRO A 97 -5.70 -9.50 0.12
C PRO A 97 -5.83 -10.20 1.48
N ASP A 98 -4.78 -10.90 1.90
CA ASP A 98 -4.76 -11.59 3.19
C ASP A 98 -4.85 -10.64 4.38
N GLN A 99 -4.57 -9.36 4.12
CA GLN A 99 -4.55 -8.28 5.11
C GLN A 99 -3.22 -8.13 5.85
N THR A 100 -2.17 -8.74 5.32
CA THR A 100 -0.81 -8.36 5.69
C THR A 100 -0.65 -6.90 5.28
N VAL A 101 -0.01 -6.11 6.14
CA VAL A 101 0.31 -4.73 5.82
C VAL A 101 1.82 -4.60 5.71
N LYS A 102 2.29 -4.19 4.53
CA LYS A 102 3.71 -4.02 4.30
C LYS A 102 4.01 -2.55 4.02
N THR A 103 4.92 -1.97 4.81
CA THR A 103 5.30 -0.59 4.61
C THR A 103 6.72 -0.47 4.05
N LEU A 104 6.86 0.18 2.91
CA LEU A 104 8.19 0.47 2.37
C LEU A 104 8.55 1.94 2.55
N HIS A 105 9.68 2.17 3.20
CA HIS A 105 10.19 3.51 3.42
C HIS A 105 11.22 3.85 2.35
N PRO A 106 11.28 5.14 1.97
CA PRO A 106 12.23 5.59 0.94
C PRO A 106 13.68 5.21 1.21
N ASP A 107 14.08 5.10 2.49
CA ASP A 107 15.44 4.70 2.85
C ASP A 107 15.72 3.22 2.56
N GLY A 108 14.67 2.45 2.33
CA GLY A 108 14.83 1.03 2.04
C GLY A 108 14.40 0.10 3.17
N ARG A 109 14.11 0.65 4.35
CA ARG A 109 13.49 -0.15 5.43
C ARG A 109 12.15 -0.71 4.98
N GLU A 110 11.85 -1.94 5.36
CA GLU A 110 10.53 -2.51 5.08
C GLU A 110 9.98 -3.08 6.38
N GLU A 111 8.72 -2.85 6.66
CA GLU A 111 8.10 -3.44 7.84
C GLU A 111 6.83 -4.16 7.43
N SER A 112 6.67 -5.40 7.89
CA SER A 112 5.44 -6.13 7.60
C SER A 112 4.75 -6.50 8.90
N VAL A 113 3.47 -6.16 9.00
CA VAL A 113 2.65 -6.56 10.13
C VAL A 113 1.62 -7.54 9.60
N LEU A 114 1.86 -8.82 9.85
N LEU A 114 1.90 -8.82 9.86
CA LEU A 114 0.95 -9.84 9.36
CA LEU A 114 1.02 -9.93 9.50
C LEU A 114 -0.24 -9.96 10.33
C LEU A 114 -0.27 -9.90 10.33
N THR A 115 -1.32 -10.57 9.88
CA THR A 115 -2.55 -10.67 10.69
C THR A 115 -2.38 -11.55 11.92
N ASP A 116 -1.57 -12.60 11.81
CA ASP A 116 -1.36 -13.52 12.92
C ASP A 116 -0.59 -12.85 14.07
N GLY A 117 0.00 -11.70 13.77
CA GLY A 117 0.68 -10.91 14.77
C GLY A 117 2.18 -10.78 14.54
N THR A 118 2.69 -11.50 13.54
CA THR A 118 4.14 -11.51 13.28
C THR A 118 4.54 -10.16 12.71
N ILE A 119 5.71 -9.67 13.10
CA ILE A 119 6.20 -8.40 12.60
C ILE A 119 7.59 -8.65 12.05
N ILE A 120 7.84 -8.19 10.83
CA ILE A 120 9.15 -8.34 10.24
C ILE A 120 9.71 -6.98 9.88
N GLN A 121 10.88 -6.66 10.42
CA GLN A 121 11.50 -5.38 10.14
C GLN A 121 12.80 -5.64 9.40
N LEU A 122 12.87 -5.14 8.17
CA LEU A 122 14.06 -5.33 7.33
C LEU A 122 14.77 -4.02 7.08
N ASN A 123 16.06 -4.00 7.40
CA ASN A 123 16.89 -2.81 7.17
C ASN A 123 17.59 -2.88 5.81
N PRO A 124 17.95 -1.72 5.24
CA PRO A 124 18.59 -1.71 3.92
C PRO A 124 19.98 -2.36 3.94
N ASP A 125 20.63 -2.40 5.10
CA ASP A 125 21.94 -3.04 5.20
C ASP A 125 21.77 -4.57 5.26
N GLY A 126 20.51 -5.02 5.33
CA GLY A 126 20.20 -6.44 5.28
C GLY A 126 19.94 -7.05 6.63
N SER A 127 20.06 -6.25 7.68
CA SER A 127 19.80 -6.78 9.02
C SER A 127 18.30 -6.84 9.21
N LYS A 128 17.84 -7.70 10.10
CA LYS A 128 16.42 -7.74 10.37
C LYS A 128 16.08 -8.12 11.79
N VAL A 129 14.89 -7.71 12.21
CA VAL A 129 14.33 -8.13 13.47
C VAL A 129 12.96 -8.75 13.17
N ILE A 130 12.73 -9.98 13.65
CA ILE A 130 11.46 -10.66 13.49
C ILE A 130 10.80 -10.85 14.84
N GLN A 131 9.57 -10.39 14.97
CA GLN A 131 8.84 -10.62 16.20
C GLN A 131 7.70 -11.59 15.94
N PHE A 132 7.88 -12.81 16.42
CA PHE A 132 6.91 -13.88 16.17
C PHE A 132 5.69 -13.71 17.05
N ASN A 133 4.53 -14.11 16.57
CA ASN A 133 3.30 -14.01 17.36
C ASN A 133 3.34 -14.91 18.58
N THR A 134 4.28 -15.86 18.56
CA THR A 134 4.54 -16.79 19.65
C THR A 134 5.33 -16.16 20.80
N GLY A 135 5.76 -14.91 20.64
CA GLY A 135 6.50 -14.26 21.72
C GLY A 135 8.01 -14.35 21.60
N GLN A 136 8.51 -15.09 20.61
CA GLN A 136 9.95 -15.12 20.37
C GLN A 136 10.40 -13.94 19.49
N ARG A 137 11.67 -13.57 19.59
CA ARG A 137 12.21 -12.51 18.76
C ARG A 137 13.49 -12.98 18.13
N GLU A 138 13.66 -12.66 16.85
CA GLU A 138 14.88 -13.06 16.15
C GLU A 138 15.56 -11.83 15.61
N ILE A 139 16.88 -11.78 15.77
CA ILE A 139 17.66 -10.66 15.27
C ILE A 139 18.78 -11.17 14.37
N HIS A 140 18.86 -10.67 13.14
CA HIS A 140 19.91 -11.07 12.21
C HIS A 140 20.81 -9.89 11.91
N THR A 141 22.11 -10.03 12.18
CA THR A 141 23.08 -8.98 11.87
C THR A 141 24.23 -9.56 11.06
N ALA A 142 25.21 -8.72 10.72
CA ALA A 142 26.38 -9.21 10.00
C ALA A 142 27.20 -10.19 10.83
N ASP A 143 27.10 -10.08 12.15
CA ASP A 143 27.92 -10.89 13.06
C ASP A 143 27.22 -12.14 13.59
N PHE A 144 25.89 -12.16 13.60
CA PHE A 144 25.17 -13.26 14.23
C PHE A 144 23.69 -13.36 13.86
N LYS A 145 23.11 -14.50 14.17
CA LYS A 145 21.66 -14.66 14.22
C LYS A 145 21.32 -15.05 15.64
N ARG A 146 20.37 -14.34 16.23
CA ARG A 146 20.04 -14.54 17.63
C ARG A 146 18.56 -14.77 17.79
N ARG A 147 18.19 -15.68 18.69
CA ARG A 147 16.79 -15.92 19.01
C ARG A 147 16.56 -15.76 20.50
N GLU A 148 15.61 -14.88 20.85
CA GLU A 148 15.28 -14.65 22.25
C GLU A 148 13.93 -15.26 22.58
N TYR A 149 13.85 -15.95 23.72
CA TYR A 149 12.66 -16.72 24.10
C TYR A 149 11.92 -16.09 25.28
N PRO A 150 10.59 -16.30 25.37
CA PRO A 150 9.83 -15.76 26.49
C PRO A 150 10.31 -16.20 27.87
N ASP A 151 10.99 -17.33 27.99
CA ASP A 151 11.43 -17.78 29.31
C ASP A 151 12.74 -17.10 29.73
N GLY A 152 13.30 -16.29 28.85
CA GLY A 152 14.53 -15.57 29.13
C GLY A 152 15.75 -16.18 28.47
N THR A 153 15.57 -17.36 27.89
CA THR A 153 16.67 -17.98 27.13
C THR A 153 17.11 -17.18 25.90
N VAL A 154 18.43 -17.07 25.67
CA VAL A 154 18.88 -16.46 24.43
C VAL A 154 19.81 -17.44 23.70
N LYS A 155 19.52 -17.71 22.44
CA LYS A 155 20.39 -18.56 21.62
C LYS A 155 20.96 -17.79 20.45
N THR A 156 22.28 -17.91 20.24
CA THR A 156 22.95 -17.15 19.20
C THR A 156 23.89 -18.03 18.37
N VAL A 157 23.86 -17.87 17.05
CA VAL A 157 24.88 -18.46 16.20
C VAL A 157 25.71 -17.34 15.57
N TYR A 158 27.02 -17.40 15.74
CA TYR A 158 27.89 -16.35 15.24
C TYR A 158 28.43 -16.70 13.87
N SER A 159 28.91 -15.70 13.15
CA SER A 159 29.39 -15.87 11.79
C SER A 159 30.53 -16.88 11.75
N ASP A 160 31.29 -16.96 12.84
CA ASP A 160 32.43 -17.89 12.91
C ASP A 160 32.01 -19.33 13.18
N GLY A 161 30.71 -19.54 13.38
CA GLY A 161 30.18 -20.89 13.54
C GLY A 161 29.92 -21.28 14.99
N ARG A 162 30.41 -20.48 15.93
CA ARG A 162 30.17 -20.83 17.33
C ARG A 162 28.74 -20.51 17.77
N GLN A 163 28.22 -21.37 18.64
CA GLN A 163 26.84 -21.25 19.08
C GLN A 163 26.82 -21.02 20.56
N GLU A 164 25.92 -20.16 21.01
CA GLU A 164 25.92 -19.77 22.41
C GLU A 164 24.51 -19.85 22.97
N THR A 165 24.36 -20.40 24.16
CA THR A 165 23.07 -20.34 24.84
C THR A 165 23.23 -19.63 26.17
N GLN A 166 22.50 -18.53 26.35
CA GLN A 166 22.49 -17.84 27.63
C GLN A 166 21.26 -18.32 28.36
N TYR A 167 21.47 -18.91 29.53
CA TYR A 167 20.36 -19.48 30.29
C TYR A 167 19.67 -18.43 31.13
N PRO A 168 18.37 -18.63 31.41
CA PRO A 168 17.62 -17.71 32.25
C PRO A 168 18.22 -17.66 33.66
N THR A 169 18.24 -16.48 34.27
CA THR A 169 18.71 -16.31 35.65
C THR A 169 18.05 -17.32 36.58
N GLY A 170 16.77 -17.57 36.34
CA GLY A 170 16.04 -18.60 37.06
C GLY A 170 15.89 -19.85 36.22
N ASP B 1 -14.40 18.55 -25.88
CA ASP B 1 -14.60 17.16 -25.51
C ASP B 1 -13.71 16.77 -24.32
N LEU B 2 -13.55 15.46 -24.10
CA LEU B 2 -12.72 14.98 -22.98
C LEU B 2 -12.31 13.51 -23.20
N SER B 3 -11.03 13.21 -22.94
CA SER B 3 -10.47 11.89 -23.20
C SER B 3 -9.93 11.26 -21.93
N PRO B 4 -10.03 9.93 -21.82
CA PRO B 4 -9.66 9.26 -20.57
C PRO B 4 -8.15 9.19 -20.40
N ARG B 5 -7.69 8.87 -19.19
CA ARG B 5 -6.27 8.61 -19.00
C ARG B 5 -5.91 7.30 -19.68
N PRO B 6 -4.67 7.18 -20.16
CA PRO B 6 -4.16 5.95 -20.79
C PRO B 6 -4.31 4.74 -19.88
N SER B 7 -4.64 3.58 -20.47
CA SER B 7 -4.77 2.36 -19.70
C SER B 7 -3.43 2.00 -19.05
N PRO B 8 -3.49 1.55 -17.78
CA PRO B 8 -2.28 1.14 -17.08
C PRO B 8 -1.72 -0.17 -17.62
N ASN B 9 -2.59 -1.06 -18.07
CA ASN B 9 -2.20 -2.35 -18.61
C ASN B 9 -2.12 -2.33 -20.13
N PRO B 10 -1.16 -3.07 -20.71
CA PRO B 10 -1.14 -3.20 -22.18
C PRO B 10 -2.40 -3.90 -22.71
N HIS B 11 -2.81 -3.55 -23.92
CA HIS B 11 -3.96 -4.17 -24.57
C HIS B 11 -3.67 -5.64 -24.85
N PRO B 12 -4.73 -6.47 -24.84
CA PRO B 12 -4.58 -7.90 -25.17
C PRO B 12 -4.15 -8.11 -26.62
C1 PGE C . 25.42 -16.47 11.59
O1 PGE C . 25.96 -17.61 10.94
C2 PGE C . 25.79 -15.22 10.81
O2 PGE C . 24.92 -15.08 9.71
C3 PGE C . 24.89 -13.78 9.16
C4 PGE C . 25.81 -13.73 7.96
O4 PGE C . 25.26 -17.11 4.96
C6 PGE C . 25.13 -15.70 4.93
C5 PGE C . 25.97 -15.08 6.02
O3 PGE C . 25.14 -14.28 6.83
C1 MPD D . 10.15 -11.14 22.73
C2 MPD D . 10.99 -11.48 23.95
O2 MPD D . 10.06 -11.78 25.02
CM MPD D . 11.76 -12.74 23.66
C3 MPD D . 11.77 -10.23 24.40
C4 MPD D . 13.28 -10.21 24.23
O4 MPD D . 13.69 -8.87 24.28
C5 MPD D . 14.03 -10.93 25.34
C1 MPD E . 20.03 -18.64 16.82
C2 MPD E . 19.16 -19.45 15.89
O2 MPD E . 18.21 -18.52 15.31
CM MPD E . 19.96 -20.01 14.70
C3 MPD E . 18.35 -20.51 16.64
C4 MPD E . 18.93 -21.89 16.97
O4 MPD E . 19.24 -22.66 15.82
C5 MPD E . 20.13 -21.87 17.90
O1 PG4 F . 0.44 2.47 -16.24
C1 PG4 F . 1.13 3.58 -16.77
C2 PG4 F . 0.12 4.69 -16.96
O2 PG4 F . -0.66 4.78 -15.79
C3 PG4 F . -2.04 4.85 -16.02
C4 PG4 F . -2.37 6.24 -16.50
O3 PG4 F . -3.77 6.41 -16.46
#